data_6PRV
#
_entry.id   6PRV
#
_cell.length_a   89.610
_cell.length_b   73.610
_cell.length_c   130.280
_cell.angle_alpha   90.000
_cell.angle_beta   100.961
_cell.angle_gamma   90.000
#
_symmetry.space_group_name_H-M   'C 1 2 1'
#
loop_
_entity.id
_entity.type
_entity.pdbx_description
1 polymer '23S rRNA'
2 non-polymer 'MAGNESIUM ION'
3 non-polymer 'POTASSIUM ION'
4 water water
#
_entity_poly.entity_id   1
_entity_poly.type   'polyribonucleotide'
_entity_poly.pdbx_seq_one_letter_code
;(GTP)CCAGGAUGUUGGCUUAGAAGCAGCCAUCAUUUAAAGAAAGCGUAAUAGCUCACUGGU
;
_entity_poly.pdbx_strand_id   A,B,C,D
#